data_8ZMZ
#
_entry.id   8ZMZ
#
_cell.length_a   1.00
_cell.length_b   1.00
_cell.length_c   1.00
_cell.angle_alpha   90.00
_cell.angle_beta   90.00
_cell.angle_gamma   90.00
#
_symmetry.space_group_name_H-M   'P 1'
#
loop_
_entity.id
_entity.type
_entity.pdbx_description
1 polymer 'Lactate-binding periplasmic protein TTHA0766,Red fluorescent protein drFP583'
2 non-polymer 'CALCIUM ION'
3 non-polymer '(2S)-2-HYDROXYPROPANOIC ACID'
#
_entity_poly.entity_id   1
_entity_poly.type   'polypeptide(L)'
_entity_poly.pdbx_seq_one_letter_code
;MGGSHHHHHHGMASMTGGQQMGRDLYDDDDKDPSSRMFSPMAVAQARRYKWRIQTAWDAGTVGYSLFQKFTERVKELTDG
QLEVQPLPAGAVVGTFDMFDAVKTGVLDGMNPFTLYWAERMPVTAFLSSYALGLDRPDQWETWFYSLGGLDNARRAFAEQ
GLFYVGPVQHDLNTIHSKKPIRRFEDFKGVKLRVPGGMIAEVFAAAGASTVLLPGGEVYPALERGAVTAVSERMYPEDGA
LKSEIKKGLRLKDGGHYAAVVKTTYKAKKPVQLPGAYVVDIQLDIVSHNEDYTIVEQCERAEGRHSTGGVVELDKGGTGG
SLVSKGEEDDMAIVKEFMRFKVHMEGSVNGHEFEIEGEGEGRPYEAFQTAKLKVTKGGPLPFAWDILSPQF(NRQ)SKAY
IKHPADIPDYFKLSFPEGFRWERVMYFEDGGIIHVDQDSSLQDGVFIYKVKLRGTNFPPDGPVMQKKTMGWERGRSAADF
VGPAVNYNLGFHQEAKYIIMGPPETPAIHQPVDLMDFTINLNRWRSLPKPLQERFIAAVHEYSWIHYAGIQKANLEAWPK
YRQAGVEVIRLGNEDVRKFRRLAIPIWFKWAKMDKYSREAFASQLEYMRGIGHVTDEELKGLSL
;
_entity_poly.pdbx_strand_id   A
#
loop_
_chem_comp.id
_chem_comp.type
_chem_comp.name
_chem_comp.formula
2OP non-polymer '(2S)-2-HYDROXYPROPANOIC ACID' 'C3 H6 O3'
CA non-polymer 'CALCIUM ION' 'Ca 2'
#
# COMPACT_ATOMS: atom_id res chain seq x y z
N ARG A 47 41.41 -4.68 26.40
CA ARG A 47 41.61 -3.21 26.45
C ARG A 47 40.33 -2.55 25.95
N ARG A 48 40.37 -1.90 24.78
CA ARG A 48 39.27 -1.08 24.34
C ARG A 48 38.55 -1.79 23.22
N TYR A 49 37.24 -1.85 23.30
CA TYR A 49 36.45 -2.48 22.26
C TYR A 49 35.68 -1.40 21.51
N LYS A 50 35.80 -1.44 20.17
CA LYS A 50 35.01 -0.58 19.31
C LYS A 50 33.96 -1.38 18.56
N TRP A 51 32.73 -0.89 18.46
CA TRP A 51 31.68 -1.53 17.71
C TRP A 51 30.95 -0.53 16.82
N ARG A 52 30.77 -0.81 15.52
CA ARG A 52 29.86 -0.05 14.68
C ARG A 52 28.47 -0.67 14.80
N ILE A 53 27.47 0.11 15.23
CA ILE A 53 26.08 -0.34 15.14
C ILE A 53 25.22 0.62 14.32
N GLN A 54 24.56 0.07 13.29
CA GLN A 54 23.63 0.83 12.46
C GLN A 54 22.21 0.66 12.97
N THR A 55 21.39 1.72 12.95
CA THR A 55 20.04 1.68 13.48
C THR A 55 19.07 1.87 12.34
N ALA A 56 17.82 1.42 12.56
CA ALA A 56 16.76 1.58 11.58
C ALA A 56 16.34 3.04 11.51
N TRP A 57 16.71 3.85 12.50
CA TRP A 57 16.35 5.26 12.50
C TRP A 57 17.19 6.06 11.51
N ASP A 58 16.52 6.91 10.70
CA ASP A 58 17.16 7.86 9.81
C ASP A 58 17.72 9.03 10.61
N ALA A 59 18.85 9.57 10.14
CA ALA A 59 19.40 10.83 10.63
C ALA A 59 18.33 11.93 10.63
N GLY A 60 18.32 12.77 11.65
CA GLY A 60 17.29 13.79 11.75
C GLY A 60 15.92 13.24 12.12
N THR A 61 15.91 12.12 12.84
CA THR A 61 14.68 11.74 13.54
C THR A 61 14.92 11.88 15.04
N VAL A 62 13.81 12.03 15.79
CA VAL A 62 13.82 11.87 17.24
C VAL A 62 14.59 10.59 17.57
N GLY A 63 14.25 9.52 16.83
CA GLY A 63 14.78 8.20 17.08
C GLY A 63 16.30 8.23 17.11
N TYR A 64 16.91 8.82 16.06
CA TYR A 64 18.35 8.80 15.91
C TYR A 64 19.04 9.55 17.04
N SER A 65 18.47 10.69 17.45
CA SER A 65 18.99 11.44 18.58
C SER A 65 19.02 10.62 19.86
N LEU A 66 17.96 9.87 20.14
CA LEU A 66 17.93 9.00 21.32
C LEU A 66 19.02 7.91 21.23
N PHE A 67 19.36 7.45 20.03
CA PHE A 67 20.36 6.41 19.86
C PHE A 67 21.79 6.87 20.17
N GLN A 68 22.15 8.06 19.72
CA GLN A 68 23.49 8.59 19.99
C GLN A 68 23.68 8.88 21.49
N LYS A 69 22.58 9.32 22.12
CA LYS A 69 22.61 9.51 23.56
C LYS A 69 22.93 8.20 24.27
N PHE A 70 22.32 7.09 23.82
CA PHE A 70 22.59 5.77 24.33
C PHE A 70 24.05 5.41 24.15
N THR A 71 24.57 5.74 22.98
CA THR A 71 25.94 5.38 22.69
C THR A 71 26.86 6.09 23.68
N GLU A 72 26.51 7.30 24.12
CA GLU A 72 27.37 7.94 25.11
C GLU A 72 27.19 7.33 26.50
N ARG A 73 26.00 6.79 26.79
CA ARG A 73 25.72 6.13 28.06
C ARG A 73 26.53 4.86 28.18
N VAL A 74 26.77 4.14 27.08
CA VAL A 74 27.48 2.87 27.09
C VAL A 74 28.94 3.11 27.48
N LYS A 75 29.53 4.17 26.94
CA LYS A 75 30.89 4.50 27.31
C LYS A 75 30.98 4.81 28.81
N GLU A 76 30.06 5.63 29.32
CA GLU A 76 29.98 5.91 30.74
C GLU A 76 29.84 4.61 31.54
N LEU A 77 28.92 3.73 31.17
CA LEU A 77 28.68 2.54 31.97
C LEU A 77 29.86 1.56 31.93
N THR A 78 30.84 1.75 31.06
CA THR A 78 31.98 0.85 30.94
C THR A 78 33.33 1.51 31.14
N ASP A 79 33.40 2.73 31.66
CA ASP A 79 34.68 3.43 31.78
C ASP A 79 35.48 3.43 30.48
N GLY A 80 34.77 3.62 29.35
CA GLY A 80 35.40 3.79 28.07
C GLY A 80 35.92 2.48 27.51
N GLN A 81 35.49 1.35 28.05
CA GLN A 81 36.07 0.11 27.55
C GLN A 81 35.28 -0.41 26.35
N LEU A 82 33.99 -0.10 26.29
CA LEU A 82 33.21 -0.42 25.12
C LEU A 82 32.77 0.89 24.50
N GLU A 83 33.12 1.08 23.23
CA GLU A 83 32.68 2.23 22.49
C GLU A 83 31.80 1.79 21.33
N VAL A 84 30.64 2.41 21.17
CA VAL A 84 29.76 2.13 20.07
C VAL A 84 29.76 3.35 19.19
N GLN A 85 30.18 3.19 17.94
CA GLN A 85 29.99 4.20 16.90
C GLN A 85 28.59 4.05 16.30
N PRO A 86 27.67 5.02 16.50
CA PRO A 86 26.34 4.94 15.90
C PRO A 86 26.27 5.35 14.44
N LEU A 87 25.43 4.64 13.69
CA LEU A 87 25.32 4.91 12.27
C LEU A 87 23.84 4.99 11.94
N PRO A 88 23.41 6.08 11.28
CA PRO A 88 22.02 6.20 10.87
C PRO A 88 21.72 5.18 9.76
N ALA A 89 20.41 5.04 9.50
CA ALA A 89 19.93 4.14 8.46
C ALA A 89 20.60 4.47 7.14
N GLY A 90 21.11 3.43 6.48
CA GLY A 90 21.64 3.58 5.15
C GLY A 90 23.12 3.90 5.16
N ALA A 91 23.72 4.22 6.31
CA ALA A 91 25.06 4.80 6.28
C ALA A 91 26.10 3.80 5.78
N VAL A 92 25.89 2.53 6.14
CA VAL A 92 26.87 1.49 5.90
C VAL A 92 26.26 0.47 4.91
N VAL A 93 25.02 0.06 5.16
CA VAL A 93 24.25 -0.75 4.25
C VAL A 93 22.78 -0.28 4.31
N GLY A 94 21.99 -0.64 3.32
CA GLY A 94 20.55 -0.48 3.39
C GLY A 94 19.93 -1.16 4.60
N THR A 95 18.80 -0.59 5.04
CA THR A 95 18.08 -1.05 6.23
C THR A 95 17.85 -2.55 6.19
N PHE A 96 17.24 -3.05 5.09
CA PHE A 96 16.87 -4.45 5.04
C PHE A 96 18.09 -5.34 4.79
N ASP A 97 19.28 -4.75 4.56
CA ASP A 97 20.49 -5.52 4.37
C ASP A 97 21.31 -5.66 5.68
N MET A 98 20.80 -5.09 6.78
CA MET A 98 21.57 -5.05 8.00
C MET A 98 21.85 -6.47 8.53
N PHE A 99 20.83 -7.34 8.46
CA PHE A 99 20.89 -8.71 9.00
C PHE A 99 22.10 -9.43 8.41
N ASP A 100 22.27 -9.39 7.08
CA ASP A 100 23.39 -10.06 6.45
C ASP A 100 24.69 -9.32 6.75
N ALA A 101 24.68 -8.00 6.86
CA ALA A 101 25.89 -7.25 7.20
C ALA A 101 26.39 -7.59 8.59
N VAL A 102 25.49 -7.77 9.56
CA VAL A 102 25.94 -8.08 10.90
C VAL A 102 26.42 -9.53 10.94
N LYS A 103 25.66 -10.43 10.31
CA LYS A 103 25.98 -11.84 10.26
C LYS A 103 27.38 -12.02 9.72
N THR A 104 27.74 -11.27 8.67
CA THR A 104 29.06 -11.44 8.05
C THR A 104 30.15 -10.60 8.71
N GLY A 105 29.77 -9.63 9.57
CA GLY A 105 30.73 -8.84 10.34
C GLY A 105 31.09 -7.50 9.70
N VAL A 106 30.52 -7.17 8.52
CA VAL A 106 30.67 -5.83 7.96
C VAL A 106 30.29 -4.81 9.04
N LEU A 107 29.17 -5.06 9.73
CA LEU A 107 28.75 -4.31 10.90
C LEU A 107 28.95 -5.17 12.14
N ASP A 108 29.20 -4.55 13.29
CA ASP A 108 29.34 -5.28 14.54
C ASP A 108 27.96 -5.59 15.09
N GLY A 109 26.99 -4.72 14.87
CA GLY A 109 25.69 -4.89 15.50
C GLY A 109 24.65 -4.06 14.77
N MET A 110 23.37 -4.26 15.13
CA MET A 110 22.30 -3.47 14.55
C MET A 110 21.21 -3.18 15.59
N ASN A 111 20.44 -2.12 15.29
CA ASN A 111 19.31 -1.66 16.09
C ASN A 111 18.10 -1.62 15.15
N PRO A 112 17.61 -2.78 14.66
CA PRO A 112 16.48 -2.80 13.71
C PRO A 112 15.10 -2.91 14.35
N PHE A 113 14.03 -2.86 13.51
CA PHE A 113 12.74 -3.39 13.93
C PHE A 113 12.73 -4.90 13.68
N THR A 114 12.49 -5.69 14.74
CA THR A 114 12.85 -7.10 14.74
C THR A 114 12.09 -7.90 13.67
N LEU A 115 10.84 -7.52 13.38
CA LEU A 115 9.99 -8.26 12.46
C LEU A 115 10.33 -8.00 10.99
N TYR A 116 11.35 -7.19 10.72
CA TYR A 116 11.88 -7.10 9.36
C TYR A 116 12.47 -8.44 8.91
N TRP A 117 12.84 -9.35 9.83
CA TRP A 117 13.42 -10.61 9.43
C TRP A 117 12.34 -11.70 9.28
N ALA A 118 11.05 -11.33 9.17
CA ALA A 118 9.97 -12.31 9.22
C ALA A 118 10.05 -13.33 8.07
N GLU A 119 10.58 -12.94 6.92
CA GLU A 119 10.58 -13.85 5.79
C GLU A 119 11.61 -14.95 6.00
N ARG A 120 12.73 -14.64 6.65
CA ARG A 120 13.83 -15.58 6.79
C ARG A 120 13.88 -16.18 8.20
N MET A 121 13.21 -15.57 9.18
CA MET A 121 13.07 -16.16 10.51
C MET A 121 11.63 -15.96 10.96
N PRO A 122 10.71 -16.92 10.71
CA PRO A 122 9.34 -16.78 11.19
C PRO A 122 9.20 -16.43 12.67
N VAL A 123 10.13 -16.84 13.53
CA VAL A 123 9.93 -16.53 14.95
C VAL A 123 9.82 -15.01 15.12
N THR A 124 10.49 -14.23 14.26
CA THR A 124 10.58 -12.79 14.49
C THR A 124 9.25 -12.07 14.26
N ALA A 125 8.30 -12.71 13.55
CA ALA A 125 6.92 -12.23 13.50
C ALA A 125 6.27 -12.26 14.88
N PHE A 126 6.83 -13.07 15.79
CA PHE A 126 6.29 -13.19 17.14
C PHE A 126 7.16 -12.45 18.16
N LEU A 127 8.22 -11.76 17.73
CA LEU A 127 9.01 -10.99 18.66
C LEU A 127 8.71 -9.49 18.59
N SER A 128 7.59 -9.14 17.96
CA SER A 128 7.08 -7.78 17.96
C SER A 128 5.56 -7.92 17.81
N SER A 129 4.79 -6.89 18.14
CA SER A 129 3.35 -7.04 18.11
C SER A 129 2.90 -7.46 16.71
N TYR A 130 1.78 -8.20 16.70
CA TYR A 130 1.05 -8.60 15.51
C TYR A 130 -0.42 -8.27 15.78
N ALA A 131 -1.25 -8.29 14.74
CA ALA A 131 -2.55 -7.63 14.84
C ALA A 131 -3.45 -8.31 15.88
N LEU A 132 -3.92 -7.50 16.83
CA LEU A 132 -4.95 -7.85 17.82
C LEU A 132 -4.48 -8.92 18.80
N GLY A 133 -3.16 -9.02 18.99
CA GLY A 133 -2.58 -9.82 20.06
C GLY A 133 -2.28 -8.97 21.29
N LEU A 134 -1.27 -9.39 22.08
CA LEU A 134 -0.84 -8.63 23.25
C LEU A 134 -0.50 -7.20 22.82
N ASP A 135 -1.05 -6.21 23.55
CA ASP A 135 -1.12 -4.84 23.01
C ASP A 135 -0.71 -3.79 24.04
N ARG A 136 -0.05 -4.20 25.13
CA ARG A 136 0.52 -3.25 26.07
C ARG A 136 2.01 -3.52 26.22
N PRO A 137 2.84 -2.46 26.31
CA PRO A 137 4.27 -2.64 26.57
C PRO A 137 4.59 -3.55 27.76
N ASP A 138 3.82 -3.44 28.84
CA ASP A 138 4.10 -4.22 30.03
C ASP A 138 3.87 -5.72 29.80
N GLN A 139 2.95 -6.08 28.89
CA GLN A 139 2.69 -7.49 28.64
C GLN A 139 3.84 -8.12 27.86
N TRP A 140 4.40 -7.38 26.88
CA TRP A 140 5.56 -7.84 26.13
C TRP A 140 6.80 -7.94 27.01
N GLU A 141 6.94 -7.00 27.95
CA GLU A 141 8.01 -7.06 28.94
C GLU A 141 7.86 -8.33 29.75
N THR A 142 6.63 -8.65 30.16
CA THR A 142 6.43 -9.85 30.96
C THR A 142 6.74 -11.10 30.16
N TRP A 143 6.21 -11.18 28.92
CA TRP A 143 6.44 -12.35 28.09
C TRP A 143 7.95 -12.56 27.87
N PHE A 144 8.69 -11.47 27.58
CA PHE A 144 10.13 -11.54 27.33
C PHE A 144 10.89 -11.93 28.58
N TYR A 145 10.63 -11.31 29.72
CA TYR A 145 11.55 -11.40 30.84
C TYR A 145 11.10 -12.37 31.92
N SER A 146 9.89 -12.95 31.85
CA SER A 146 9.58 -14.00 32.83
C SER A 146 8.91 -15.24 32.23
N LEU A 147 8.30 -15.17 31.03
CA LEU A 147 7.60 -16.32 30.46
C LEU A 147 8.46 -17.10 29.43
N GLY A 148 9.70 -16.66 29.22
CA GLY A 148 10.69 -17.39 28.46
C GLY A 148 10.94 -16.82 27.07
N GLY A 149 10.36 -15.65 26.76
CA GLY A 149 10.52 -15.07 25.43
C GLY A 149 12.00 -14.83 25.11
N LEU A 150 12.73 -14.19 26.03
CA LEU A 150 14.11 -13.83 25.74
C LEU A 150 14.94 -15.05 25.33
N ASP A 151 14.88 -16.16 26.06
CA ASP A 151 15.66 -17.33 25.69
C ASP A 151 15.20 -17.99 24.38
N ASN A 152 13.89 -17.96 24.14
CA ASN A 152 13.34 -18.38 22.86
C ASN A 152 14.01 -17.59 21.72
N ALA A 153 14.06 -16.25 21.86
CA ALA A 153 14.65 -15.38 20.86
C ALA A 153 16.14 -15.68 20.73
N ARG A 154 16.83 -15.93 21.84
CA ARG A 154 18.27 -16.07 21.78
C ARG A 154 18.68 -17.36 21.06
N ARG A 155 17.96 -18.45 21.31
CA ARG A 155 18.24 -19.72 20.66
C ARG A 155 18.01 -19.60 19.15
N ALA A 156 16.92 -18.96 18.74
CA ALA A 156 16.64 -18.79 17.32
C ALA A 156 17.73 -17.94 16.65
N PHE A 157 18.23 -16.87 17.29
CA PHE A 157 19.22 -16.02 16.63
C PHE A 157 20.59 -16.69 16.61
N ALA A 158 20.88 -17.48 17.64
CA ALA A 158 22.20 -18.08 17.72
C ALA A 158 22.38 -19.04 16.55
N GLU A 159 21.28 -19.64 16.06
CA GLU A 159 21.36 -20.50 14.87
C GLU A 159 21.81 -19.73 13.64
N GLN A 160 21.67 -18.41 13.67
CA GLN A 160 22.06 -17.57 12.54
C GLN A 160 23.42 -16.90 12.76
N GLY A 161 24.09 -17.16 13.88
CA GLY A 161 25.33 -16.47 14.19
C GLY A 161 25.15 -15.03 14.66
N LEU A 162 24.03 -14.81 15.36
CA LEU A 162 23.74 -13.52 15.95
C LEU A 162 23.39 -13.70 17.41
N PHE A 163 23.79 -12.70 18.22
CA PHE A 163 23.44 -12.60 19.64
C PHE A 163 22.36 -11.52 19.83
N TYR A 164 21.14 -11.97 20.14
CA TYR A 164 19.99 -11.12 20.41
C TYR A 164 20.10 -10.60 21.83
N VAL A 165 20.36 -9.29 22.02
CA VAL A 165 20.63 -8.75 23.34
C VAL A 165 19.33 -8.65 24.13
N GLY A 166 18.35 -7.95 23.55
CA GLY A 166 17.07 -7.82 24.19
C GLY A 166 16.19 -6.92 23.35
N PRO A 167 14.89 -6.85 23.68
CA PRO A 167 14.00 -5.93 22.97
C PRO A 167 14.19 -4.48 23.43
N VAL A 168 13.86 -3.53 22.55
CA VAL A 168 13.81 -2.12 22.93
C VAL A 168 12.38 -1.62 22.73
N GLN A 169 11.79 -1.11 23.81
CA GLN A 169 10.44 -0.56 23.77
C GLN A 169 10.37 0.71 22.92
N HIS A 170 9.31 0.86 22.12
CA HIS A 170 9.25 1.95 21.15
C HIS A 170 7.90 2.69 21.20
N ASP A 171 6.86 2.22 20.49
CA ASP A 171 5.62 2.95 20.39
C ASP A 171 4.57 2.14 19.62
N LEU A 172 3.32 2.62 19.55
CA LEU A 172 2.35 2.05 18.62
C LEU A 172 2.51 2.76 17.28
N ASN A 173 1.79 2.33 16.26
CA ASN A 173 1.96 2.89 14.94
C ASN A 173 0.65 3.50 14.45
N THR A 174 0.75 4.51 13.59
CA THR A 174 -0.38 5.13 12.91
C THR A 174 -0.33 4.86 11.41
N ILE A 175 -1.48 5.00 10.75
CA ILE A 175 -1.66 4.90 9.32
C ILE A 175 -1.96 6.31 8.79
N HIS A 176 -1.17 6.73 7.80
CA HIS A 176 -1.29 8.02 7.18
C HIS A 176 -1.82 7.77 5.77
N SER A 177 -2.95 8.38 5.47
CA SER A 177 -3.65 8.05 4.25
C SER A 177 -4.06 9.33 3.51
N LYS A 178 -4.11 9.22 2.19
CA LYS A 178 -4.46 10.35 1.34
C LYS A 178 -5.96 10.63 1.35
N LYS A 179 -6.74 9.61 1.69
CA LYS A 179 -8.17 9.69 1.57
C LYS A 179 -8.76 9.18 2.88
N PRO A 180 -10.03 9.51 3.15
CA PRO A 180 -10.67 9.06 4.37
C PRO A 180 -11.11 7.58 4.38
N ILE A 181 -10.28 6.69 4.95
CA ILE A 181 -10.69 5.30 5.21
C ILE A 181 -11.49 5.30 6.51
N ARG A 182 -12.82 5.16 6.40
CA ARG A 182 -13.70 5.38 7.53
C ARG A 182 -14.30 4.08 8.08
N ARG A 183 -14.12 2.95 7.39
CA ARG A 183 -14.63 1.67 7.86
C ARG A 183 -13.79 0.55 7.23
N PHE A 184 -13.99 -0.68 7.72
CA PHE A 184 -13.24 -1.87 7.30
C PHE A 184 -13.24 -2.06 5.76
N GLU A 185 -14.40 -1.85 5.15
CA GLU A 185 -14.58 -2.09 3.74
C GLU A 185 -13.77 -1.09 2.90
N ASP A 186 -13.41 0.07 3.47
CA ASP A 186 -12.66 1.08 2.74
C ASP A 186 -11.22 0.68 2.50
N PHE A 187 -10.70 -0.37 3.17
CA PHE A 187 -9.34 -0.84 2.93
C PHE A 187 -9.16 -1.53 1.57
N LYS A 188 -10.24 -2.00 0.95
CA LYS A 188 -10.18 -2.72 -0.31
C LYS A 188 -9.75 -1.77 -1.43
N GLY A 189 -8.71 -2.20 -2.14
CA GLY A 189 -8.16 -1.45 -3.25
C GLY A 189 -7.11 -0.45 -2.79
N VAL A 190 -6.90 -0.31 -1.48
CA VAL A 190 -5.92 0.68 -1.05
C VAL A 190 -4.53 0.11 -1.32
N LYS A 191 -3.61 0.94 -1.81
CA LYS A 191 -2.21 0.59 -1.82
C LYS A 191 -1.59 1.03 -0.49
N LEU A 192 -1.02 0.06 0.23
CA LEU A 192 -0.63 0.30 1.61
C LEU A 192 0.80 -0.17 1.84
N ARG A 193 1.66 0.76 2.26
CA ARG A 193 2.98 0.40 2.70
C ARG A 193 2.88 -0.14 4.13
N VAL A 194 3.51 -1.29 4.39
CA VAL A 194 3.52 -1.91 5.71
C VAL A 194 4.80 -2.73 5.78
N PRO A 195 5.21 -3.24 6.97
CA PRO A 195 6.47 -3.96 7.06
C PRO A 195 6.40 -5.47 6.85
N GLY A 196 5.55 -5.93 5.95
CA GLY A 196 5.60 -7.35 5.58
C GLY A 196 5.06 -8.29 6.66
N GLY A 197 5.50 -9.55 6.60
CA GLY A 197 5.15 -10.62 7.54
C GLY A 197 3.65 -10.75 7.78
N MET A 198 3.28 -10.92 9.06
CA MET A 198 1.88 -11.09 9.42
C MET A 198 1.13 -9.76 9.31
N ILE A 199 1.83 -8.63 9.45
CA ILE A 199 1.16 -7.34 9.35
C ILE A 199 0.57 -7.23 7.94
N ALA A 200 1.40 -7.46 6.90
CA ALA A 200 0.94 -7.35 5.52
C ALA A 200 -0.14 -8.39 5.22
N GLU A 201 -0.04 -9.60 5.79
CA GLU A 201 -0.98 -10.67 5.45
C GLU A 201 -2.41 -10.32 5.89
N VAL A 202 -2.51 -9.71 7.07
CA VAL A 202 -3.80 -9.33 7.58
C VAL A 202 -4.42 -8.25 6.68
N PHE A 203 -3.64 -7.25 6.23
CA PHE A 203 -4.21 -6.20 5.41
C PHE A 203 -4.51 -6.72 4.00
N ALA A 204 -3.72 -7.67 3.51
CA ALA A 204 -4.00 -8.25 2.20
C ALA A 204 -5.31 -9.03 2.23
N ALA A 205 -5.60 -9.69 3.36
CA ALA A 205 -6.86 -10.40 3.55
C ALA A 205 -8.05 -9.44 3.66
N ALA A 206 -7.80 -8.17 4.02
CA ALA A 206 -8.85 -7.18 4.03
C ALA A 206 -8.95 -6.43 2.71
N GLY A 207 -8.20 -6.87 1.69
CA GLY A 207 -8.38 -6.34 0.35
C GLY A 207 -7.35 -5.30 -0.07
N ALA A 208 -6.36 -5.01 0.79
CA ALA A 208 -5.35 -4.04 0.40
C ALA A 208 -4.29 -4.69 -0.50
N SER A 209 -3.70 -3.89 -1.39
CA SER A 209 -2.43 -4.19 -2.05
C SER A 209 -1.30 -3.66 -1.19
N THR A 210 -0.36 -4.53 -0.83
CA THR A 210 0.66 -4.17 0.14
C THR A 210 2.01 -4.07 -0.55
N VAL A 211 2.84 -3.14 -0.07
CA VAL A 211 4.22 -3.02 -0.50
C VAL A 211 5.11 -2.87 0.73
N LEU A 212 6.37 -3.27 0.57
CA LEU A 212 7.37 -3.13 1.62
C LEU A 212 8.41 -2.11 1.16
N LEU A 213 8.57 -1.05 1.95
CA LEU A 213 9.56 -0.01 1.68
C LEU A 213 10.13 0.42 3.03
N PRO A 214 11.40 0.87 3.08
CA PRO A 214 11.96 1.46 4.29
C PRO A 214 11.28 2.77 4.65
N GLY A 215 11.17 3.10 5.95
CA GLY A 215 10.52 4.32 6.39
C GLY A 215 10.97 5.60 5.67
N GLY A 216 12.28 5.70 5.41
CA GLY A 216 12.80 6.90 4.80
C GLY A 216 12.37 7.08 3.34
N GLU A 217 11.69 6.11 2.71
CA GLU A 217 11.54 6.15 1.26
C GLU A 217 10.14 5.80 0.77
N VAL A 218 9.14 6.13 1.58
CA VAL A 218 7.79 5.73 1.26
C VAL A 218 7.18 6.66 0.21
N TYR A 219 7.33 7.98 0.29
CA TYR A 219 6.46 8.83 -0.52
C TYR A 219 7.02 9.34 -1.84
N PRO A 220 8.28 9.14 -2.20
CA PRO A 220 8.58 9.37 -3.60
C PRO A 220 7.74 8.35 -4.36
N ALA A 221 7.64 7.13 -3.81
CA ALA A 221 7.23 5.95 -4.57
C ALA A 221 5.77 5.52 -4.40
N LEU A 222 5.29 5.22 -3.18
CA LEU A 222 3.95 4.64 -3.00
C LEU A 222 2.94 5.34 -3.91
N GLU A 223 3.12 6.64 -4.18
CA GLU A 223 2.18 7.33 -5.03
C GLU A 223 2.26 6.80 -6.46
N ARG A 224 3.47 6.79 -7.01
CA ARG A 224 3.70 6.23 -8.33
C ARG A 224 3.06 4.84 -8.41
N GLY A 225 3.35 3.98 -7.43
CA GLY A 225 2.86 2.61 -7.38
C GLY A 225 1.34 2.53 -7.46
N ALA A 226 0.64 3.42 -6.73
CA ALA A 226 -0.81 3.43 -6.71
C ALA A 226 -1.38 3.75 -8.10
N VAL A 227 -0.79 4.74 -8.77
CA VAL A 227 -1.23 5.00 -10.13
C VAL A 227 -0.75 3.87 -11.03
N THR A 228 0.38 3.25 -10.78
CA THR A 228 0.76 2.17 -11.69
C THR A 228 -0.35 1.13 -11.64
N ALA A 229 -0.91 0.94 -10.44
CA ALA A 229 -2.01 0.04 -10.27
C ALA A 229 -3.19 0.50 -11.10
N VAL A 230 -3.67 1.70 -10.82
CA VAL A 230 -4.91 2.16 -11.43
C VAL A 230 -4.76 2.26 -12.95
N SER A 231 -3.52 2.46 -13.43
CA SER A 231 -3.25 2.57 -14.86
C SER A 231 -3.57 1.29 -15.61
N GLU A 232 -3.90 1.43 -16.91
CA GLU A 232 -4.15 0.26 -17.74
C GLU A 232 -2.83 -0.44 -18.01
N ARG A 233 -2.89 -1.75 -18.17
CA ARG A 233 -1.65 -2.51 -18.33
C ARG A 233 -1.58 -3.08 -19.74
N MET A 234 -0.84 -2.43 -20.64
CA MET A 234 -0.84 -2.88 -22.03
C MET A 234 0.06 -4.10 -22.18
N TYR A 235 -0.37 -5.12 -22.96
CA TYR A 235 0.48 -6.26 -23.22
C TYR A 235 0.10 -6.91 -24.55
N PRO A 236 1.13 -7.20 -25.38
CA PRO A 236 0.93 -7.87 -26.67
C PRO A 236 0.55 -9.33 -26.47
N GLU A 237 -0.44 -9.81 -27.21
CA GLU A 237 -0.75 -11.23 -27.14
C GLU A 237 -1.52 -11.66 -28.37
N ASP A 238 -1.18 -12.85 -28.89
CA ASP A 238 -1.92 -13.50 -29.96
C ASP A 238 -2.16 -12.54 -31.13
N GLY A 239 -1.19 -11.66 -31.39
CA GLY A 239 -1.27 -10.76 -32.54
C GLY A 239 -2.11 -9.51 -32.26
N ALA A 240 -2.62 -9.35 -31.03
CA ALA A 240 -3.39 -8.17 -30.65
C ALA A 240 -2.63 -7.41 -29.56
N LEU A 241 -2.95 -6.13 -29.37
CA LEU A 241 -2.48 -5.46 -28.18
C LEU A 241 -3.61 -5.54 -27.17
N LYS A 242 -3.34 -6.14 -26.03
CA LYS A 242 -4.38 -6.25 -25.02
C LYS A 242 -4.07 -5.31 -23.88
N SER A 243 -5.08 -5.09 -23.02
CA SER A 243 -4.91 -4.26 -21.84
C SER A 243 -5.80 -4.72 -20.69
N GLU A 244 -5.44 -4.34 -19.48
CA GLU A 244 -6.28 -4.64 -18.35
C GLU A 244 -6.26 -3.44 -17.42
N ILE A 245 -7.43 -2.96 -16.99
CA ILE A 245 -7.50 -1.83 -16.09
C ILE A 245 -8.21 -2.27 -14.83
N LYS A 246 -7.70 -1.88 -13.66
CA LYS A 246 -8.25 -2.38 -12.42
C LYS A 246 -8.54 -1.25 -11.44
N LYS A 247 -9.51 -0.41 -11.76
CA LYS A 247 -9.73 0.77 -10.96
C LYS A 247 -11.18 0.90 -10.56
N GLY A 248 -11.41 1.23 -9.28
CA GLY A 248 -12.75 1.40 -8.75
C GLY A 248 -13.45 2.72 -9.14
N LEU A 249 -14.79 2.66 -9.25
CA LEU A 249 -15.58 3.87 -9.38
C LEU A 249 -15.62 4.56 -8.02
N ARG A 250 -15.83 5.87 -8.02
CA ARG A 250 -15.98 6.62 -6.78
C ARG A 250 -17.46 6.70 -6.47
N LEU A 251 -17.85 6.27 -5.27
CA LEU A 251 -19.27 6.28 -4.95
C LEU A 251 -19.53 7.44 -4.03
N LYS A 252 -20.77 7.92 -4.08
CA LYS A 252 -21.13 9.14 -3.35
C LYS A 252 -20.95 8.94 -1.84
N ASP A 253 -21.12 7.71 -1.33
CA ASP A 253 -20.97 7.41 0.10
C ASP A 253 -19.49 7.27 0.50
N GLY A 254 -18.56 7.43 -0.45
CA GLY A 254 -17.13 7.40 -0.16
C GLY A 254 -16.49 6.04 -0.41
N GLY A 255 -17.32 4.99 -0.54
CA GLY A 255 -16.83 3.65 -0.80
C GLY A 255 -16.35 3.54 -2.24
N HIS A 256 -16.08 2.33 -2.68
CA HIS A 256 -15.71 2.19 -4.06
C HIS A 256 -16.45 0.98 -4.58
N TYR A 257 -16.57 0.93 -5.89
CA TYR A 257 -17.29 -0.15 -6.54
C TYR A 257 -16.33 -0.73 -7.58
N ALA A 258 -15.79 -1.92 -7.33
CA ALA A 258 -14.70 -2.45 -8.15
C ALA A 258 -15.15 -2.69 -9.59
N ALA A 259 -14.20 -2.60 -10.53
CA ALA A 259 -14.48 -2.84 -11.94
C ALA A 259 -13.23 -3.41 -12.60
N VAL A 260 -13.40 -4.49 -13.36
CA VAL A 260 -12.29 -5.05 -14.12
C VAL A 260 -12.54 -4.82 -15.60
N VAL A 261 -11.59 -4.16 -16.26
CA VAL A 261 -11.75 -3.85 -17.68
C VAL A 261 -10.74 -4.66 -18.49
N LYS A 262 -11.24 -5.45 -19.43
CA LYS A 262 -10.36 -6.22 -20.31
C LYS A 262 -10.59 -5.79 -21.75
N THR A 263 -9.52 -5.44 -22.45
CA THR A 263 -9.65 -4.95 -23.82
C THR A 263 -8.66 -5.63 -24.74
N THR A 264 -9.17 -5.91 -25.95
CA THR A 264 -8.38 -6.35 -27.07
C THR A 264 -8.47 -5.29 -28.15
N TYR A 265 -7.31 -4.71 -28.50
CA TYR A 265 -7.19 -3.81 -29.63
C TYR A 265 -6.50 -4.52 -30.80
N LYS A 266 -7.09 -4.38 -32.00
CA LYS A 266 -6.54 -4.99 -33.20
C LYS A 266 -6.56 -4.03 -34.39
N ALA A 267 -5.34 -3.75 -34.91
CA ALA A 267 -5.19 -2.90 -36.09
C ALA A 267 -5.85 -3.61 -37.26
N LYS A 268 -6.34 -2.83 -38.24
CA LYS A 268 -6.98 -3.38 -39.44
C LYS A 268 -5.96 -3.79 -40.52
N LYS A 269 -4.70 -3.35 -40.38
CA LYS A 269 -3.59 -3.81 -41.20
C LYS A 269 -2.52 -4.34 -40.27
N PRO A 270 -1.54 -5.16 -40.74
CA PRO A 270 -0.48 -5.62 -39.85
C PRO A 270 0.36 -4.43 -39.40
N VAL A 271 0.64 -4.36 -38.09
CA VAL A 271 1.30 -3.20 -37.50
C VAL A 271 2.23 -3.74 -36.40
N GLN A 272 3.44 -3.18 -36.30
CA GLN A 272 4.37 -3.47 -35.22
C GLN A 272 3.68 -3.47 -33.85
N LEU A 273 3.65 -4.63 -33.17
CA LEU A 273 3.20 -4.69 -31.79
C LEU A 273 4.31 -4.17 -30.88
N PRO A 274 3.99 -3.42 -29.81
CA PRO A 274 4.99 -3.03 -28.82
C PRO A 274 5.23 -4.10 -27.76
N GLY A 275 6.28 -3.90 -26.96
CA GLY A 275 6.42 -4.64 -25.72
C GLY A 275 5.39 -4.12 -24.72
N ALA A 276 5.19 -4.89 -23.64
CA ALA A 276 4.36 -4.48 -22.50
C ALA A 276 4.71 -3.07 -22.01
N TYR A 277 3.68 -2.27 -21.67
CA TYR A 277 3.88 -0.93 -21.14
C TYR A 277 2.63 -0.46 -20.37
N VAL A 278 2.61 0.83 -19.99
CA VAL A 278 1.59 1.36 -19.09
C VAL A 278 1.07 2.71 -19.60
N VAL A 279 -0.21 2.99 -19.33
CA VAL A 279 -0.84 4.21 -19.82
C VAL A 279 -1.58 4.96 -18.71
N ASP A 280 -1.01 6.09 -18.26
CA ASP A 280 -1.68 6.95 -17.30
C ASP A 280 -2.76 7.72 -18.05
N ILE A 281 -4.01 7.54 -17.62
CA ILE A 281 -5.14 8.22 -18.23
C ILE A 281 -5.95 8.91 -17.15
N GLN A 282 -6.22 10.22 -17.28
CA GLN A 282 -7.09 10.89 -16.32
C GLN A 282 -8.25 11.58 -17.06
N LEU A 283 -9.47 11.10 -16.80
CA LEU A 283 -10.66 11.55 -17.52
C LEU A 283 -11.55 12.36 -16.59
N ASP A 284 -11.75 13.64 -16.92
CA ASP A 284 -12.67 14.47 -16.13
C ASP A 284 -13.94 14.76 -16.92
N ILE A 285 -15.05 14.82 -16.16
CA ILE A 285 -16.30 15.34 -16.65
C ILE A 285 -16.27 16.84 -16.39
N VAL A 286 -16.18 17.60 -17.48
CA VAL A 286 -15.96 19.04 -17.45
C VAL A 286 -17.28 19.73 -17.14
N SER A 287 -18.37 19.24 -17.76
CA SER A 287 -19.67 19.86 -17.56
C SER A 287 -20.79 18.94 -18.04
N HIS A 288 -22.02 19.19 -17.56
CA HIS A 288 -23.17 18.41 -17.97
C HIS A 288 -24.43 19.20 -17.70
N ASN A 289 -25.52 18.93 -18.45
CA ASN A 289 -26.83 19.44 -18.08
C ASN A 289 -27.37 18.61 -16.91
N GLU A 290 -28.56 18.99 -16.41
CA GLU A 290 -29.19 18.40 -15.24
C GLU A 290 -29.30 16.87 -15.37
N ASP A 291 -29.82 16.37 -16.48
CA ASP A 291 -30.16 14.96 -16.62
C ASP A 291 -29.08 14.18 -17.41
N TYR A 292 -27.90 14.79 -17.63
CA TYR A 292 -26.79 14.20 -18.39
C TYR A 292 -27.12 13.81 -19.84
N THR A 293 -28.02 14.53 -20.52
CA THR A 293 -28.26 14.24 -21.93
C THR A 293 -27.23 14.95 -22.80
N ILE A 294 -26.49 15.88 -22.21
CA ILE A 294 -25.41 16.60 -22.88
C ILE A 294 -24.23 16.63 -21.92
N VAL A 295 -23.08 16.10 -22.34
CA VAL A 295 -21.94 16.01 -21.43
C VAL A 295 -20.67 16.40 -22.17
N GLU A 296 -19.80 17.11 -21.43
CA GLU A 296 -18.46 17.40 -21.86
C GLU A 296 -17.46 16.67 -20.97
N GLN A 297 -16.54 15.95 -21.60
CA GLN A 297 -15.46 15.37 -20.86
C GLN A 297 -14.15 15.64 -21.58
N CYS A 298 -13.05 15.47 -20.83
CA CYS A 298 -11.72 15.69 -21.36
C CYS A 298 -10.75 14.71 -20.68
N GLU A 299 -9.61 14.43 -21.32
CA GLU A 299 -8.65 13.49 -20.74
C GLU A 299 -7.23 13.76 -21.23
N ARG A 300 -6.25 13.40 -20.39
CA ARG A 300 -4.85 13.36 -20.78
C ARG A 300 -4.32 11.95 -20.57
N ALA A 301 -3.59 11.45 -21.56
CA ALA A 301 -3.11 10.08 -21.54
C ALA A 301 -1.68 10.09 -22.03
N GLU A 302 -0.85 9.27 -21.36
CA GLU A 302 0.56 9.15 -21.64
C GLU A 302 1.00 7.69 -21.43
N GLY A 303 1.69 7.14 -22.43
CA GLY A 303 2.36 5.85 -22.28
C GLY A 303 3.73 6.00 -21.62
N ARG A 304 4.08 5.03 -20.75
CA ARG A 304 5.41 4.87 -20.16
C ARG A 304 5.78 3.38 -20.01
N HIS A 305 7.06 3.11 -19.72
CA HIS A 305 7.57 1.74 -19.57
C HIS A 305 7.08 1.12 -18.26
N ALA A 332 2.23 12.41 -40.54
CA ALA A 332 1.72 13.31 -41.61
C ALA A 332 0.18 13.35 -41.61
N ILE A 333 -0.46 12.18 -41.57
CA ILE A 333 -1.91 12.11 -41.67
C ILE A 333 -2.56 12.13 -40.28
N VAL A 334 -1.80 11.77 -39.22
CA VAL A 334 -2.24 12.13 -37.88
C VAL A 334 -1.54 13.45 -37.58
N LYS A 335 -2.29 14.55 -37.72
CA LYS A 335 -1.71 15.89 -37.56
C LYS A 335 -1.64 16.23 -36.07
N GLU A 336 -0.90 17.30 -35.74
CA GLU A 336 -0.78 17.84 -34.39
C GLU A 336 -2.13 18.17 -33.75
N PHE A 337 -3.11 18.54 -34.58
CA PHE A 337 -4.46 18.79 -34.11
C PHE A 337 -5.41 17.90 -34.90
N MET A 338 -6.31 17.17 -34.21
CA MET A 338 -7.25 16.27 -34.88
C MET A 338 -8.62 16.37 -34.19
N ARG A 339 -9.67 16.37 -35.03
CA ARG A 339 -11.05 16.29 -34.57
C ARG A 339 -11.54 14.84 -34.71
N PHE A 340 -12.57 14.47 -33.95
CA PHE A 340 -13.18 13.17 -34.15
C PHE A 340 -14.69 13.24 -34.02
N LYS A 341 -15.37 12.25 -34.58
CA LYS A 341 -16.81 12.14 -34.42
C LYS A 341 -17.09 10.76 -33.88
N VAL A 342 -18.04 10.68 -32.93
CA VAL A 342 -18.39 9.40 -32.33
C VAL A 342 -19.90 9.21 -32.39
N HIS A 343 -20.28 7.95 -32.61
CA HIS A 343 -21.64 7.47 -32.53
C HIS A 343 -21.64 6.20 -31.68
N MET A 344 -22.44 6.22 -30.61
CA MET A 344 -22.68 5.05 -29.78
C MET A 344 -24.14 4.61 -29.90
N GLU A 345 -24.34 3.31 -29.99
CA GLU A 345 -25.66 2.77 -29.73
C GLU A 345 -25.50 1.66 -28.71
N GLY A 346 -26.49 1.54 -27.83
CA GLY A 346 -26.33 0.58 -26.77
C GLY A 346 -27.57 0.29 -25.94
N SER A 347 -27.36 -0.59 -24.97
CA SER A 347 -28.42 -1.06 -24.11
C SER A 347 -27.85 -1.36 -22.72
N VAL A 348 -28.49 -0.86 -21.66
CA VAL A 348 -28.09 -1.20 -20.30
C VAL A 348 -29.33 -1.65 -19.52
N ASN A 349 -29.31 -2.89 -18.99
CA ASN A 349 -30.49 -3.50 -18.38
C ASN A 349 -31.72 -3.34 -19.28
N GLY A 350 -31.55 -3.49 -20.60
CA GLY A 350 -32.66 -3.42 -21.54
C GLY A 350 -33.03 -2.01 -22.01
N HIS A 351 -32.39 -0.97 -21.44
CA HIS A 351 -32.71 0.40 -21.83
C HIS A 351 -31.86 0.81 -23.03
N GLU A 352 -32.49 0.84 -24.21
CA GLU A 352 -31.78 1.21 -25.43
C GLU A 352 -31.61 2.74 -25.52
N PHE A 353 -30.46 3.16 -26.09
CA PHE A 353 -30.14 4.57 -26.29
C PHE A 353 -29.14 4.75 -27.43
N GLU A 354 -29.03 5.99 -27.95
CA GLU A 354 -27.96 6.37 -28.85
C GLU A 354 -27.35 7.68 -28.37
N ILE A 355 -26.04 7.81 -28.60
CA ILE A 355 -25.28 9.02 -28.30
C ILE A 355 -24.55 9.41 -29.57
N GLU A 356 -24.52 10.72 -29.82
CA GLU A 356 -23.69 11.31 -30.85
C GLU A 356 -22.77 12.33 -30.21
N GLY A 357 -21.54 12.41 -30.70
CA GLY A 357 -20.55 13.28 -30.10
C GLY A 357 -19.50 13.78 -31.08
N GLU A 358 -18.79 14.82 -30.65
CA GLU A 358 -17.74 15.44 -31.43
C GLU A 358 -16.61 15.80 -30.48
N GLY A 359 -15.37 15.57 -30.90
CA GLY A 359 -14.25 15.84 -30.01
C GLY A 359 -13.05 16.45 -30.71
N GLU A 360 -12.04 16.80 -29.96
CA GLU A 360 -10.84 17.30 -30.61
C GLU A 360 -9.72 17.21 -29.62
N GLY A 361 -8.49 17.25 -30.14
CA GLY A 361 -7.35 17.36 -29.26
C GLY A 361 -6.01 17.27 -30.00
N ARG A 362 -4.98 16.98 -29.22
CA ARG A 362 -3.60 17.00 -29.67
C ARG A 362 -3.03 15.62 -29.43
N PRO A 363 -3.06 14.76 -30.47
CA PRO A 363 -2.68 13.36 -30.36
C PRO A 363 -1.30 13.06 -29.77
N TYR A 364 -0.31 13.96 -29.95
CA TYR A 364 1.05 13.72 -29.48
C TYR A 364 1.28 14.44 -28.16
N GLU A 365 0.45 15.46 -27.89
CA GLU A 365 0.40 16.06 -26.58
C GLU A 365 -0.61 15.27 -25.77
N ALA A 366 -1.43 14.47 -26.47
CA ALA A 366 -2.40 13.57 -25.86
C ALA A 366 -3.41 14.26 -24.95
N PHE A 367 -3.92 15.43 -25.35
CA PHE A 367 -5.00 16.09 -24.61
C PHE A 367 -6.23 16.19 -25.50
N GLN A 368 -7.34 15.55 -25.08
CA GLN A 368 -8.58 15.57 -25.87
C GLN A 368 -9.80 16.00 -25.02
N THR A 369 -10.77 16.60 -25.72
CA THR A 369 -12.08 16.90 -25.18
C THR A 369 -13.13 16.47 -26.19
N ALA A 370 -14.33 16.24 -25.66
CA ALA A 370 -15.46 15.82 -26.46
C ALA A 370 -16.76 16.31 -25.83
N LYS A 371 -17.75 16.52 -26.70
CA LYS A 371 -19.10 16.84 -26.28
C LYS A 371 -20.06 15.74 -26.73
N LEU A 372 -20.76 15.12 -25.78
CA LEU A 372 -21.67 14.04 -26.10
C LEU A 372 -23.09 14.49 -25.83
N LYS A 373 -23.99 14.00 -26.70
CA LYS A 373 -25.42 14.28 -26.67
C LYS A 373 -26.19 12.96 -26.85
N VAL A 374 -27.11 12.71 -25.90
CA VAL A 374 -28.00 11.57 -25.96
C VAL A 374 -29.08 11.93 -26.97
N THR A 375 -29.06 11.23 -28.12
CA THR A 375 -30.01 11.47 -29.20
C THR A 375 -31.24 10.56 -29.10
N LYS A 376 -31.19 9.50 -28.29
CA LYS A 376 -32.35 8.63 -28.13
C LYS A 376 -32.28 7.91 -26.79
N GLY A 377 -33.45 7.69 -26.19
CA GLY A 377 -33.53 6.96 -24.93
C GLY A 377 -33.16 7.84 -23.73
N GLY A 378 -32.98 9.15 -23.94
CA GLY A 378 -32.68 10.07 -22.83
C GLY A 378 -33.94 10.39 -22.03
N PRO A 379 -33.84 10.72 -20.72
CA PRO A 379 -32.58 10.68 -19.96
C PRO A 379 -32.19 9.25 -19.61
N LEU A 380 -30.89 9.02 -19.41
CA LEU A 380 -30.35 7.67 -19.22
C LEU A 380 -30.59 7.27 -17.78
N PRO A 381 -31.13 6.08 -17.48
CA PRO A 381 -31.39 5.76 -16.09
C PRO A 381 -30.21 5.07 -15.40
N PHE A 382 -28.97 5.50 -15.66
CA PHE A 382 -27.82 4.90 -15.02
C PHE A 382 -26.63 5.85 -15.06
N ALA A 383 -25.55 5.51 -14.34
CA ALA A 383 -24.45 6.44 -14.17
C ALA A 383 -23.73 6.60 -15.49
N TRP A 384 -23.54 7.86 -15.88
CA TRP A 384 -22.72 8.22 -17.02
C TRP A 384 -21.35 7.55 -17.00
N ASP A 385 -20.78 7.36 -15.80
CA ASP A 385 -19.42 6.85 -15.63
C ASP A 385 -19.19 5.52 -16.36
N ILE A 386 -20.23 4.68 -16.51
CA ILE A 386 -19.98 3.44 -17.24
C ILE A 386 -19.82 3.71 -18.73
N LEU A 387 -20.16 4.89 -19.24
CA LEU A 387 -19.98 5.16 -20.67
C LEU A 387 -18.72 5.98 -20.94
N SER A 388 -18.22 6.70 -19.94
CA SER A 388 -17.22 7.72 -20.22
C SER A 388 -15.95 7.10 -20.81
N PRO A 389 -15.51 5.90 -20.39
CA PRO A 389 -14.29 5.38 -20.98
C PRO A 389 -14.47 4.77 -22.36
N GLN A 390 -15.68 4.84 -22.90
CA GLN A 390 -15.97 4.21 -24.18
C GLN A 390 -15.79 5.22 -25.30
N PHE A 391 -15.83 6.51 -24.95
CA PHE A 391 -15.68 7.57 -25.93
C PHE A 391 -14.21 7.93 -26.06
N1 NRQ A 392 -13.51 7.61 -24.94
CE NRQ A 392 -13.03 12.63 -24.77
SD NRQ A 392 -12.35 11.69 -23.42
CG1 NRQ A 392 -11.98 10.20 -24.37
CB1 NRQ A 392 -12.08 9.01 -23.46
CA1 NRQ A 392 -12.46 7.72 -24.16
C1 NRQ A 392 -11.67 6.54 -23.86
N2 NRQ A 392 -11.13 6.46 -22.60
OH NRQ A 392 -9.71 6.01 -16.07
CD2 NRQ A 392 -9.16 4.21 -19.19
CE2 NRQ A 392 -9.09 4.52 -17.86
CZ NRQ A 392 -9.76 5.64 -17.38
CE1 NRQ A 392 -10.48 6.45 -18.25
CD1 NRQ A 392 -10.55 6.12 -19.59
CG2 NRQ A 392 -9.88 5.00 -20.08
CB2 NRQ A 392 -9.92 4.64 -21.48
CA2 NRQ A 392 -10.55 5.24 -22.51
C2 NRQ A 392 -10.69 4.58 -23.79
O2 NRQ A 392 -10.32 3.48 -24.13
N3 NRQ A 392 -11.39 5.40 -24.61
CA3 NRQ A 392 -11.83 4.94 -25.91
C3 NRQ A 392 -11.35 5.72 -27.14
O3 NRQ A 392 -11.86 5.35 -28.23
N SER A 393 -10.39 6.71 -26.99
CA SER A 393 -9.93 7.51 -28.14
C SER A 393 -8.42 7.36 -28.15
N LYS A 394 -7.94 6.19 -28.61
CA LYS A 394 -6.60 5.70 -28.29
C LYS A 394 -5.51 6.40 -29.11
N ALA A 395 -5.90 7.04 -30.22
CA ALA A 395 -4.99 7.85 -31.04
C ALA A 395 -4.42 9.01 -30.21
N TYR A 396 -5.09 9.44 -29.14
CA TYR A 396 -4.66 10.60 -28.36
C TYR A 396 -3.87 10.15 -27.11
N ILE A 397 -2.91 9.25 -27.30
CA ILE A 397 -2.05 8.89 -26.19
C ILE A 397 -0.63 9.26 -26.58
N LYS A 398 0.05 9.99 -25.69
CA LYS A 398 1.44 10.33 -25.95
C LYS A 398 2.25 9.07 -25.66
N HIS A 399 2.97 8.63 -26.69
CA HIS A 399 3.88 7.49 -26.58
C HIS A 399 5.30 7.98 -26.75
N PRO A 400 6.24 7.55 -25.90
CA PRO A 400 7.64 7.90 -26.13
C PRO A 400 8.14 7.23 -27.41
N ALA A 401 9.28 7.73 -27.91
CA ALA A 401 9.77 7.35 -29.23
C ALA A 401 10.11 5.86 -29.26
N ASP A 402 10.59 5.31 -28.14
CA ASP A 402 11.04 3.93 -28.14
C ASP A 402 9.88 2.96 -27.81
N ILE A 403 8.64 3.45 -27.72
CA ILE A 403 7.48 2.57 -27.60
C ILE A 403 6.68 2.74 -28.88
N PRO A 404 6.64 1.73 -29.77
CA PRO A 404 5.81 1.82 -30.96
C PRO A 404 4.36 2.18 -30.63
N ASP A 405 3.79 3.13 -31.41
CA ASP A 405 2.43 3.58 -31.20
C ASP A 405 1.51 2.81 -32.14
N TYR A 406 0.96 1.73 -31.59
CA TYR A 406 0.13 0.78 -32.32
C TYR A 406 -1.07 1.49 -32.93
N PHE A 407 -1.65 2.41 -32.16
CA PHE A 407 -2.87 3.12 -32.54
C PHE A 407 -2.61 4.10 -33.69
N LYS A 408 -1.58 4.94 -33.53
CA LYS A 408 -1.23 5.91 -34.57
C LYS A 408 -0.74 5.19 -35.84
N LEU A 409 0.06 4.12 -35.69
CA LEU A 409 0.60 3.43 -36.86
C LEU A 409 -0.48 2.71 -37.66
N SER A 410 -1.59 2.30 -37.00
CA SER A 410 -2.72 1.64 -37.67
C SER A 410 -3.42 2.53 -38.71
N PHE A 411 -3.31 3.86 -38.59
CA PHE A 411 -4.01 4.72 -39.52
C PHE A 411 -3.25 4.80 -40.84
N PRO A 412 -3.89 5.10 -42.01
CA PRO A 412 -5.30 5.55 -42.09
C PRO A 412 -6.41 4.50 -41.94
N GLU A 413 -6.12 3.20 -42.12
CA GLU A 413 -7.17 2.19 -42.07
C GLU A 413 -7.80 2.16 -40.68
N GLY A 414 -6.97 2.14 -39.63
CA GLY A 414 -7.45 2.29 -38.25
C GLY A 414 -7.47 0.98 -37.46
N PHE A 415 -8.38 0.91 -36.48
CA PHE A 415 -8.35 -0.24 -35.62
C PHE A 415 -9.70 -0.46 -34.96
N ARG A 416 -9.86 -1.68 -34.42
CA ARG A 416 -11.05 -2.06 -33.68
C ARG A 416 -10.63 -2.45 -32.28
N TRP A 417 -11.61 -2.37 -31.35
CA TRP A 417 -11.42 -2.94 -30.03
C TRP A 417 -12.69 -3.62 -29.48
N GLU A 418 -12.43 -4.50 -28.54
CA GLU A 418 -13.48 -5.22 -27.85
C GLU A 418 -13.13 -5.28 -26.37
N ARG A 419 -14.16 -5.10 -25.56
CA ARG A 419 -13.97 -4.87 -24.14
C ARG A 419 -15.09 -5.53 -23.35
N VAL A 420 -14.71 -6.08 -22.19
CA VAL A 420 -15.65 -6.71 -21.29
C VAL A 420 -15.33 -6.23 -19.88
N MET A 421 -16.17 -5.34 -19.36
CA MET A 421 -15.93 -4.78 -18.04
C MET A 421 -16.75 -5.58 -17.03
N TYR A 422 -16.13 -6.01 -15.94
CA TYR A 422 -16.84 -6.75 -14.91
C TYR A 422 -16.85 -5.93 -13.63
N PHE A 423 -17.99 -5.88 -12.95
CA PHE A 423 -18.13 -5.10 -11.74
C PHE A 423 -18.16 -6.03 -10.53
N GLU A 424 -18.31 -5.48 -9.32
CA GLU A 424 -18.22 -6.30 -8.13
C GLU A 424 -19.59 -6.83 -7.75
N ASP A 425 -20.69 -6.19 -8.20
CA ASP A 425 -22.01 -6.74 -7.92
C ASP A 425 -22.53 -7.65 -9.05
N GLY A 426 -21.67 -8.04 -10.02
CA GLY A 426 -22.07 -8.96 -11.07
C GLY A 426 -22.57 -8.28 -12.35
N GLY A 427 -22.60 -6.95 -12.35
CA GLY A 427 -22.95 -6.20 -13.56
C GLY A 427 -21.91 -6.45 -14.65
N ILE A 428 -22.35 -6.53 -15.90
CA ILE A 428 -21.42 -6.79 -17.00
C ILE A 428 -21.72 -5.90 -18.23
N ILE A 429 -20.64 -5.41 -18.86
CA ILE A 429 -20.77 -4.61 -20.06
C ILE A 429 -19.84 -5.19 -21.11
N HIS A 430 -20.37 -5.44 -22.31
CA HIS A 430 -19.58 -5.80 -23.48
C HIS A 430 -19.59 -4.60 -24.42
N VAL A 431 -18.43 -4.23 -24.95
CA VAL A 431 -18.33 -3.08 -25.83
C VAL A 431 -17.54 -3.45 -27.08
N ASP A 432 -18.03 -2.98 -28.24
CA ASP A 432 -17.34 -3.12 -29.52
C ASP A 432 -17.14 -1.73 -30.10
N GLN A 433 -15.94 -1.46 -30.60
CA GLN A 433 -15.58 -0.16 -31.13
C GLN A 433 -14.85 -0.33 -32.46
N ASP A 434 -15.07 0.64 -33.36
CA ASP A 434 -14.34 0.72 -34.61
C ASP A 434 -13.81 2.13 -34.79
N SER A 435 -12.52 2.27 -35.12
CA SER A 435 -11.88 3.56 -35.23
C SER A 435 -11.28 3.70 -36.61
N SER A 436 -11.66 4.74 -37.34
CA SER A 436 -11.14 4.95 -38.68
C SER A 436 -10.87 6.43 -38.90
N LEU A 437 -10.38 6.75 -40.11
CA LEU A 437 -10.00 8.10 -40.49
C LEU A 437 -10.61 8.38 -41.86
N GLN A 438 -11.47 9.40 -41.92
CA GLN A 438 -12.12 9.82 -43.14
C GLN A 438 -11.94 11.32 -43.30
N ASP A 439 -11.29 11.73 -44.40
CA ASP A 439 -11.35 13.13 -44.72
C ASP A 439 -10.62 13.95 -43.65
N GLY A 440 -9.61 13.37 -42.98
CA GLY A 440 -8.85 14.08 -41.95
C GLY A 440 -9.50 14.09 -40.56
N VAL A 441 -10.63 13.37 -40.39
CA VAL A 441 -11.34 13.33 -39.10
C VAL A 441 -11.43 11.87 -38.63
N PHE A 442 -11.18 11.65 -37.33
CA PHE A 442 -11.38 10.35 -36.72
C PHE A 442 -12.87 10.07 -36.61
N ILE A 443 -13.28 8.88 -37.07
CA ILE A 443 -14.64 8.35 -36.94
C ILE A 443 -14.68 7.15 -35.98
N TYR A 444 -15.43 7.31 -34.88
CA TYR A 444 -15.58 6.26 -33.89
C TYR A 444 -17.03 5.73 -33.92
N LYS A 445 -17.18 4.39 -34.01
CA LYS A 445 -18.47 3.75 -33.79
C LYS A 445 -18.40 2.80 -32.62
N VAL A 446 -19.38 2.91 -31.73
CA VAL A 446 -19.37 2.11 -30.52
C VAL A 446 -20.72 1.40 -30.39
N LYS A 447 -20.65 0.12 -29.99
CA LYS A 447 -21.82 -0.68 -29.62
C LYS A 447 -21.59 -1.30 -28.23
N LEU A 448 -22.54 -1.04 -27.32
CA LEU A 448 -22.39 -1.35 -25.90
C LEU A 448 -23.59 -2.15 -25.45
N ARG A 449 -23.35 -3.23 -24.70
CA ARG A 449 -24.44 -3.95 -24.07
C ARG A 449 -24.10 -4.21 -22.61
N GLY A 450 -24.88 -3.59 -21.74
CA GLY A 450 -24.74 -3.80 -20.30
C GLY A 450 -25.93 -4.56 -19.74
N THR A 451 -25.64 -5.57 -18.88
CA THR A 451 -26.65 -6.41 -18.24
C THR A 451 -26.28 -6.74 -16.78
N ASN A 452 -27.26 -7.27 -16.03
CA ASN A 452 -27.09 -7.89 -14.71
C ASN A 452 -26.75 -6.87 -13.62
N PHE A 453 -26.98 -5.57 -13.88
CA PHE A 453 -26.86 -4.56 -12.84
C PHE A 453 -28.06 -4.68 -11.91
N PRO A 454 -27.87 -4.83 -10.58
CA PRO A 454 -29.01 -4.82 -9.66
C PRO A 454 -29.77 -3.50 -9.78
N PRO A 455 -31.12 -3.51 -9.79
CA PRO A 455 -31.89 -2.27 -9.98
C PRO A 455 -31.67 -1.21 -8.89
N ASP A 456 -31.35 -1.66 -7.67
CA ASP A 456 -31.10 -0.80 -6.51
C ASP A 456 -29.61 -0.46 -6.38
N GLY A 457 -28.76 -1.05 -7.23
CA GLY A 457 -27.33 -0.92 -7.12
C GLY A 457 -26.85 0.46 -7.55
N PRO A 458 -25.57 0.81 -7.27
CA PRO A 458 -25.08 2.16 -7.54
C PRO A 458 -25.05 2.59 -9.00
N VAL A 459 -24.96 1.66 -9.94
CA VAL A 459 -24.92 2.05 -11.34
C VAL A 459 -26.30 2.51 -11.78
N MET A 460 -27.32 1.73 -11.46
CA MET A 460 -28.67 2.02 -11.94
C MET A 460 -29.29 3.14 -11.11
N GLN A 461 -28.77 3.40 -9.89
CA GLN A 461 -29.28 4.46 -9.02
C GLN A 461 -28.39 5.71 -9.06
N LYS A 462 -27.50 5.82 -10.05
CA LYS A 462 -26.66 7.00 -10.23
C LYS A 462 -26.00 7.41 -8.91
N LYS A 463 -25.29 6.48 -8.25
CA LYS A 463 -24.61 6.84 -7.00
C LYS A 463 -23.09 6.85 -7.17
N THR A 464 -22.60 7.12 -8.39
CA THR A 464 -21.17 7.03 -8.69
C THR A 464 -20.60 8.43 -9.00
N MET A 465 -19.29 8.61 -8.77
CA MET A 465 -18.63 9.89 -9.00
C MET A 465 -17.28 9.72 -9.69
N GLY A 466 -17.25 9.26 -10.94
CA GLY A 466 -15.99 9.27 -11.66
C GLY A 466 -15.10 8.14 -11.20
N TRP A 467 -13.83 8.19 -11.59
CA TRP A 467 -12.97 7.04 -11.38
C TRP A 467 -11.83 7.34 -10.41
N GLU A 468 -11.59 6.41 -9.51
CA GLU A 468 -10.54 6.61 -8.53
C GLU A 468 -9.19 6.76 -9.22
N ARG A 469 -8.35 7.67 -8.70
CA ARG A 469 -7.05 7.91 -9.30
C ARG A 469 -6.00 7.07 -8.57
N GLY A 470 -6.46 6.26 -7.63
CA GLY A 470 -5.57 5.34 -6.95
C GLY A 470 -5.31 5.85 -5.54
N ARG A 471 -5.29 4.92 -4.58
CA ARG A 471 -5.32 5.35 -3.19
C ARG A 471 -4.07 4.85 -2.48
N SER A 472 -3.38 5.76 -1.80
CA SER A 472 -2.16 5.49 -1.08
C SER A 472 -2.42 5.74 0.41
N ALA A 473 -2.16 4.72 1.20
CA ALA A 473 -2.02 4.84 2.64
C ALA A 473 -0.70 4.19 3.05
N ALA A 474 -0.09 4.61 4.18
CA ALA A 474 1.18 4.02 4.55
C ALA A 474 1.45 4.02 6.06
N ASP A 475 1.46 2.85 6.68
CA ASP A 475 2.00 2.74 8.03
C ASP A 475 3.49 3.05 7.98
N PHE A 476 4.05 3.63 9.04
CA PHE A 476 5.49 3.46 9.30
C PHE A 476 5.64 3.34 10.80
N VAL A 477 5.92 4.45 11.51
CA VAL A 477 6.07 4.35 12.97
C VAL A 477 4.96 5.19 13.59
N GLY A 478 5.25 5.84 14.73
CA GLY A 478 4.27 6.68 15.41
C GLY A 478 4.31 8.14 14.93
N PRO A 479 3.51 9.02 15.55
CA PRO A 479 3.23 10.32 14.96
C PRO A 479 4.39 11.31 14.88
N ALA A 480 5.26 11.37 15.89
CA ALA A 480 6.39 12.29 15.85
C ALA A 480 7.36 11.97 14.72
N VAL A 481 7.89 10.74 14.70
CA VAL A 481 8.91 10.44 13.73
C VAL A 481 8.30 10.49 12.33
N ASN A 482 7.06 10.06 12.15
CA ASN A 482 6.40 10.19 10.87
C ASN A 482 6.28 11.65 10.46
N TYR A 483 6.12 12.54 11.43
CA TYR A 483 6.17 13.97 11.15
C TYR A 483 7.57 14.37 10.74
N ASN A 484 8.62 13.89 11.45
CA ASN A 484 10.01 14.15 11.02
C ASN A 484 10.18 13.82 9.53
N LEU A 485 9.52 12.76 9.05
CA LEU A 485 9.70 12.25 7.71
C LEU A 485 8.71 12.85 6.70
N GLY A 486 7.81 13.72 7.17
CA GLY A 486 7.07 14.61 6.29
C GLY A 486 5.68 14.08 5.93
N PHE A 487 5.23 13.01 6.60
CA PHE A 487 4.00 12.36 6.15
C PHE A 487 2.83 13.36 6.17
N HIS A 488 2.90 14.39 7.03
CA HIS A 488 1.78 15.32 7.12
C HIS A 488 1.58 16.10 5.83
N GLN A 489 2.63 16.19 5.00
CA GLN A 489 2.59 16.96 3.78
C GLN A 489 1.82 16.23 2.68
N GLU A 490 1.91 14.90 2.66
CA GLU A 490 1.40 14.14 1.53
C GLU A 490 0.06 13.50 1.84
N ALA A 491 -0.23 13.29 3.12
CA ALA A 491 -1.41 12.59 3.55
C ALA A 491 -2.12 13.44 4.60
N LYS A 492 -3.41 13.76 4.36
CA LYS A 492 -4.14 14.65 5.25
C LYS A 492 -5.09 13.92 6.22
N TYR A 493 -5.01 12.59 6.27
CA TYR A 493 -5.78 11.81 7.20
C TYR A 493 -4.83 10.88 7.96
N ILE A 494 -5.20 10.69 9.23
CA ILE A 494 -4.64 9.64 10.04
C ILE A 494 -5.76 8.65 10.38
N ILE A 495 -5.47 7.36 10.18
CA ILE A 495 -6.44 6.33 10.46
C ILE A 495 -5.93 5.61 11.71
N MET A 496 -6.77 5.66 12.76
CA MET A 496 -6.58 4.89 13.98
C MET A 496 -7.79 4.04 14.29
N GLY A 497 -7.63 3.12 15.23
CA GLY A 497 -8.72 2.29 15.69
C GLY A 497 -9.56 3.06 16.69
N PRO A 498 -10.63 2.46 17.22
CA PRO A 498 -11.46 3.12 18.21
C PRO A 498 -10.66 3.27 19.50
N PRO A 499 -11.15 4.07 20.48
CA PRO A 499 -10.42 4.27 21.74
C PRO A 499 -10.08 3.00 22.52
N GLU A 500 -10.91 1.96 22.38
CA GLU A 500 -10.67 0.66 22.99
C GLU A 500 -9.46 -0.01 22.34
N THR A 501 -9.23 0.24 21.03
CA THR A 501 -8.24 -0.49 20.26
C THR A 501 -7.59 0.49 19.28
N PRO A 502 -6.79 1.45 19.78
CA PRO A 502 -6.29 2.52 18.94
C PRO A 502 -5.33 2.07 17.85
N ALA A 503 -4.63 0.94 18.07
CA ALA A 503 -3.70 0.39 17.10
C ALA A 503 -4.16 -1.04 16.79
N ILE A 504 -4.60 -1.24 15.56
CA ILE A 504 -5.11 -2.56 15.21
C ILE A 504 -3.97 -3.49 14.77
N HIS A 505 -3.02 -2.96 13.98
CA HIS A 505 -1.99 -3.80 13.38
C HIS A 505 -0.70 -3.86 14.19
N GLN A 506 -0.25 -2.74 14.76
CA GLN A 506 1.02 -2.74 15.50
C GLN A 506 0.98 -1.91 16.79
N PRO A 507 0.38 -2.45 17.87
CA PRO A 507 0.29 -1.72 19.12
C PRO A 507 1.63 -1.59 19.85
N VAL A 508 2.52 -2.56 19.67
CA VAL A 508 3.76 -2.59 20.42
C VAL A 508 4.88 -2.96 19.44
N ASP A 509 5.47 -1.93 18.80
CA ASP A 509 6.32 -2.11 17.64
C ASP A 509 7.78 -2.13 18.09
N LEU A 510 8.31 -3.32 18.38
CA LEU A 510 9.56 -3.42 19.12
C LEU A 510 10.78 -3.32 18.19
N MET A 511 11.82 -2.64 18.70
CA MET A 511 13.16 -2.71 18.12
C MET A 511 13.96 -3.74 18.92
N ASP A 512 15.27 -3.88 18.63
CA ASP A 512 16.14 -4.73 19.43
C ASP A 512 17.61 -4.26 19.24
N PHE A 513 18.53 -4.86 19.98
CA PHE A 513 19.94 -4.86 19.63
C PHE A 513 20.34 -6.29 19.34
N THR A 514 20.99 -6.50 18.20
CA THR A 514 21.56 -7.78 17.84
C THR A 514 23.04 -7.58 17.50
N ILE A 515 23.91 -8.39 18.10
CA ILE A 515 25.33 -8.30 17.84
C ILE A 515 25.81 -9.53 17.05
N ASN A 516 26.70 -9.31 16.09
CA ASN A 516 27.45 -10.43 15.52
C ASN A 516 27.93 -11.37 16.63
N LEU A 517 27.70 -12.67 16.47
CA LEU A 517 27.92 -13.58 17.58
C LEU A 517 29.40 -13.69 17.97
N ASN A 518 30.31 -13.70 16.98
CA ASN A 518 31.72 -13.72 17.27
C ASN A 518 32.15 -12.48 18.05
N ARG A 519 31.65 -11.30 17.64
CA ARG A 519 31.98 -10.08 18.33
C ARG A 519 31.56 -10.15 19.79
N TRP A 520 30.35 -10.67 19.99
CA TRP A 520 29.83 -10.81 21.35
C TRP A 520 30.73 -11.70 22.21
N ARG A 521 31.07 -12.89 21.72
CA ARG A 521 31.82 -13.84 22.52
C ARG A 521 33.24 -13.37 22.76
N SER A 522 33.74 -12.42 21.95
CA SER A 522 35.07 -11.89 22.20
C SER A 522 35.07 -10.92 23.39
N LEU A 523 33.90 -10.37 23.71
CA LEU A 523 33.79 -9.37 24.78
C LEU A 523 33.87 -10.07 26.13
N PRO A 524 34.71 -9.59 27.05
CA PRO A 524 34.77 -10.05 28.43
C PRO A 524 33.40 -10.11 29.08
N LYS A 525 33.18 -11.10 29.96
CA LYS A 525 31.81 -11.35 30.41
C LYS A 525 31.31 -10.20 31.27
N PRO A 526 32.20 -9.49 32.04
CA PRO A 526 31.82 -8.24 32.73
C PRO A 526 31.24 -7.16 31.84
N LEU A 527 31.76 -7.01 30.61
CA LEU A 527 31.26 -6.02 29.68
C LEU A 527 30.00 -6.54 29.03
N GLN A 528 29.90 -7.85 28.84
CA GLN A 528 28.67 -8.43 28.31
C GLN A 528 27.47 -8.07 29.18
N GLU A 529 27.63 -8.32 30.49
CA GLU A 529 26.56 -8.09 31.45
C GLU A 529 26.18 -6.61 31.47
N ARG A 530 27.19 -5.77 31.41
CA ARG A 530 26.97 -4.34 31.45
C ARG A 530 26.28 -3.83 30.19
N PHE A 531 26.59 -4.43 29.03
CA PHE A 531 25.90 -4.02 27.82
C PHE A 531 24.42 -4.44 27.86
N ILE A 532 24.14 -5.64 28.37
CA ILE A 532 22.77 -6.11 28.54
C ILE A 532 22.00 -5.16 29.44
N ALA A 533 22.63 -4.76 30.57
CA ALA A 533 21.97 -3.83 31.47
C ALA A 533 21.71 -2.50 30.75
N ALA A 534 22.75 -2.03 30.05
CA ALA A 534 22.60 -0.78 29.31
C ALA A 534 21.40 -0.84 28.35
N VAL A 535 21.25 -1.97 27.62
CA VAL A 535 20.19 -2.02 26.65
C VAL A 535 18.83 -2.04 27.36
N HIS A 536 18.70 -2.75 28.50
CA HIS A 536 17.42 -2.80 29.20
C HIS A 536 16.98 -1.42 29.68
N GLU A 537 17.95 -0.63 30.21
CA GLU A 537 17.70 0.74 30.63
C GLU A 537 17.28 1.58 29.42
N TYR A 538 18.01 1.44 28.31
CA TYR A 538 17.73 2.24 27.12
C TYR A 538 16.36 1.91 26.52
N SER A 539 15.91 0.65 26.63
CA SER A 539 14.62 0.27 26.08
C SER A 539 13.52 1.25 26.53
N TRP A 540 13.59 1.65 27.82
CA TRP A 540 12.54 2.44 28.44
C TRP A 540 12.84 3.93 28.38
N ILE A 541 14.12 4.28 28.36
CA ILE A 541 14.47 5.65 28.06
C ILE A 541 14.04 6.00 26.65
N HIS A 542 14.27 5.09 25.70
CA HIS A 542 13.87 5.28 24.32
C HIS A 542 12.34 5.40 24.23
N TYR A 543 11.64 4.41 24.79
CA TYR A 543 10.19 4.47 24.88
C TYR A 543 9.71 5.82 25.39
N ALA A 544 10.25 6.23 26.53
CA ALA A 544 9.80 7.43 27.20
C ALA A 544 10.07 8.67 26.33
N GLY A 545 11.22 8.70 25.66
CA GLY A 545 11.54 9.79 24.77
C GLY A 545 10.60 9.89 23.57
N ILE A 546 10.23 8.75 23.00
CA ILE A 546 9.33 8.71 21.85
C ILE A 546 7.96 9.20 22.26
N GLN A 547 7.52 8.74 23.42
CA GLN A 547 6.18 9.06 23.87
C GLN A 547 6.09 10.56 24.15
N LYS A 548 7.18 11.14 24.66
CA LYS A 548 7.13 12.57 24.92
C LYS A 548 7.01 13.30 23.59
N ALA A 549 7.88 13.00 22.62
CA ALA A 549 7.80 13.63 21.30
C ALA A 549 6.40 13.48 20.67
N ASN A 550 5.74 12.33 20.86
CA ASN A 550 4.43 12.13 20.26
C ASN A 550 3.42 13.11 20.84
N LEU A 551 3.53 13.47 22.11
CA LEU A 551 2.63 14.45 22.69
C LEU A 551 2.78 15.79 21.98
N GLU A 552 4.01 16.15 21.59
CA GLU A 552 4.24 17.40 20.91
C GLU A 552 3.71 17.36 19.49
N ALA A 553 3.56 16.16 18.92
CA ALA A 553 3.31 16.05 17.49
C ALA A 553 1.85 16.27 17.18
N TRP A 554 0.94 15.85 18.08
CA TRP A 554 -0.46 15.88 17.75
C TRP A 554 -0.92 17.31 17.41
N PRO A 555 -0.57 18.37 18.15
CA PRO A 555 -0.88 19.74 17.74
C PRO A 555 -0.31 20.15 16.38
N LYS A 556 0.88 19.65 16.01
CA LYS A 556 1.43 20.00 14.71
C LYS A 556 0.60 19.37 13.60
N TYR A 557 -0.04 18.22 13.87
CA TYR A 557 -0.86 17.58 12.84
C TYR A 557 -2.12 18.40 12.57
N ARG A 558 -2.71 18.97 13.63
CA ARG A 558 -3.87 19.83 13.49
C ARG A 558 -3.54 21.08 12.68
N GLN A 559 -2.39 21.71 12.96
CA GLN A 559 -1.95 22.87 12.20
C GLN A 559 -1.76 22.53 10.71
N ALA A 560 -1.32 21.29 10.42
CA ALA A 560 -1.11 20.88 9.05
C ALA A 560 -2.42 20.55 8.33
N GLY A 561 -3.56 20.63 9.01
CA GLY A 561 -4.82 20.30 8.36
C GLY A 561 -5.12 18.79 8.36
N VAL A 562 -4.43 18.00 9.19
CA VAL A 562 -4.61 16.56 9.17
C VAL A 562 -5.81 16.17 10.06
N GLU A 563 -6.70 15.32 9.55
CA GLU A 563 -7.88 14.86 10.27
C GLU A 563 -7.66 13.44 10.76
N VAL A 564 -7.91 13.26 12.07
CA VAL A 564 -7.79 11.93 12.66
C VAL A 564 -9.13 11.23 12.54
N ILE A 565 -9.12 10.05 11.90
CA ILE A 565 -10.28 9.21 11.72
C ILE A 565 -10.15 8.04 12.68
N ARG A 566 -11.22 7.75 13.42
CA ARG A 566 -11.30 6.57 14.27
C ARG A 566 -12.22 5.56 13.61
N LEU A 567 -11.69 4.33 13.41
CA LEU A 567 -12.52 3.19 13.05
C LEU A 567 -13.35 2.76 14.26
N GLY A 568 -14.25 1.79 14.04
CA GLY A 568 -15.18 1.37 15.08
C GLY A 568 -14.81 0.03 15.68
N ASN A 569 -15.48 -0.27 16.79
CA ASN A 569 -15.38 -1.57 17.42
C ASN A 569 -15.81 -2.67 16.45
N GLU A 570 -16.83 -2.39 15.62
CA GLU A 570 -17.22 -3.38 14.64
C GLU A 570 -16.11 -3.59 13.59
N ASP A 571 -15.42 -2.53 13.21
CA ASP A 571 -14.28 -2.66 12.30
C ASP A 571 -13.20 -3.55 12.90
N VAL A 572 -13.00 -3.45 14.22
CA VAL A 572 -12.01 -4.26 14.89
C VAL A 572 -12.41 -5.73 14.85
N ARG A 573 -13.69 -6.01 15.10
CA ARG A 573 -14.18 -7.38 15.07
C ARG A 573 -13.89 -8.01 13.71
N LYS A 574 -14.03 -7.21 12.64
CA LYS A 574 -13.82 -7.74 11.31
C LYS A 574 -12.35 -8.06 11.07
N PHE A 575 -11.44 -7.25 11.61
CA PHE A 575 -10.02 -7.56 11.49
C PHE A 575 -9.67 -8.80 12.35
N ARG A 576 -10.34 -8.93 13.48
CA ARG A 576 -10.00 -9.98 14.41
C ARG A 576 -10.31 -11.37 13.85
N ARG A 577 -11.40 -11.48 13.08
CA ARG A 577 -11.77 -12.73 12.45
C ARG A 577 -10.69 -13.15 11.46
N LEU A 578 -10.04 -12.17 10.83
CA LEU A 578 -8.99 -12.48 9.88
C LEU A 578 -7.70 -12.80 10.61
N ALA A 579 -7.45 -12.13 11.74
CA ALA A 579 -6.12 -12.15 12.34
C ALA A 579 -5.79 -13.50 12.98
N ILE A 580 -6.73 -14.03 13.75
CA ILE A 580 -6.42 -15.16 14.61
C ILE A 580 -5.99 -16.37 13.74
N PRO A 581 -6.70 -16.76 12.67
CA PRO A 581 -6.18 -17.82 11.80
C PRO A 581 -4.79 -17.57 11.20
N ILE A 582 -4.49 -16.32 10.88
CA ILE A 582 -3.16 -16.01 10.38
C ILE A 582 -2.11 -16.19 11.49
N TRP A 583 -2.45 -15.93 12.76
CA TRP A 583 -1.50 -16.25 13.81
C TRP A 583 -1.07 -17.70 13.70
N PHE A 584 -2.04 -18.61 13.61
CA PHE A 584 -1.73 -20.03 13.74
C PHE A 584 -0.94 -20.55 12.54
N LYS A 585 -1.18 -19.97 11.37
CA LYS A 585 -0.46 -20.35 10.18
C LYS A 585 1.01 -19.96 10.30
N TRP A 586 1.31 -18.76 10.80
CA TRP A 586 2.71 -18.39 11.02
C TRP A 586 3.34 -19.19 12.16
N ALA A 587 2.57 -19.51 13.17
CA ALA A 587 3.06 -20.20 14.32
C ALA A 587 3.61 -21.55 13.91
N LYS A 588 2.95 -22.18 12.93
CA LYS A 588 3.32 -23.53 12.54
C LYS A 588 4.43 -23.58 11.48
N MET A 589 5.18 -22.51 11.27
CA MET A 589 6.22 -22.50 10.25
C MET A 589 7.47 -23.25 10.69
N ASP A 590 7.96 -23.03 11.92
CA ASP A 590 9.08 -23.84 12.40
C ASP A 590 9.02 -24.02 13.92
N LYS A 591 10.05 -24.65 14.49
CA LYS A 591 10.01 -25.01 15.90
C LYS A 591 10.07 -23.80 16.83
N TYR A 592 10.78 -22.75 16.43
CA TYR A 592 10.90 -21.56 17.24
C TYR A 592 9.59 -20.77 17.23
N SER A 593 8.98 -20.59 16.04
CA SER A 593 7.73 -19.86 15.92
C SER A 593 6.65 -20.60 16.70
N ARG A 594 6.63 -21.93 16.62
CA ARG A 594 5.67 -22.73 17.36
C ARG A 594 5.85 -22.55 18.88
N GLU A 595 7.10 -22.63 19.39
CA GLU A 595 7.38 -22.45 20.82
C GLU A 595 6.98 -21.07 21.32
N ALA A 596 7.29 -20.01 20.56
CA ALA A 596 6.99 -18.65 20.99
C ALA A 596 5.47 -18.40 20.95
N PHE A 597 4.77 -18.87 19.91
CA PHE A 597 3.36 -18.57 19.85
C PHE A 597 2.63 -19.36 20.92
N ALA A 598 3.10 -20.61 21.17
CA ALA A 598 2.40 -21.44 22.14
C ALA A 598 2.40 -20.75 23.52
N SER A 599 3.52 -20.11 23.90
CA SER A 599 3.66 -19.44 25.19
C SER A 599 2.91 -18.10 25.19
N GLN A 600 2.87 -17.41 24.04
CA GLN A 600 2.07 -16.19 23.96
C GLN A 600 0.58 -16.51 24.06
N LEU A 601 0.17 -17.62 23.46
CA LEU A 601 -1.24 -17.96 23.45
C LEU A 601 -1.72 -18.33 24.85
N GLU A 602 -0.90 -19.12 25.55
CA GLU A 602 -1.18 -19.48 26.94
C GLU A 602 -1.33 -18.23 27.81
N TYR A 603 -0.42 -17.25 27.65
CA TYR A 603 -0.51 -15.98 28.37
C TYR A 603 -1.81 -15.26 28.00
N MET A 604 -2.11 -15.13 26.71
CA MET A 604 -3.32 -14.41 26.27
C MET A 604 -4.58 -15.05 26.86
N ARG A 605 -4.59 -16.39 26.94
CA ARG A 605 -5.73 -17.08 27.47
C ARG A 605 -5.80 -16.86 28.99
N GLY A 606 -4.65 -16.72 29.61
CA GLY A 606 -4.60 -16.57 31.06
C GLY A 606 -5.07 -15.19 31.50
N ILE A 607 -4.99 -14.18 30.64
CA ILE A 607 -5.39 -12.85 31.02
C ILE A 607 -6.68 -12.45 30.33
N GLY A 608 -7.38 -13.39 29.67
CA GLY A 608 -8.63 -13.09 29.00
C GLY A 608 -8.51 -12.18 27.77
N HIS A 609 -7.39 -12.27 27.03
CA HIS A 609 -7.25 -11.61 25.75
C HIS A 609 -8.04 -12.38 24.68
N VAL A 610 -7.99 -13.70 24.81
CA VAL A 610 -8.50 -14.61 23.79
C VAL A 610 -9.46 -15.54 24.52
N THR A 611 -10.63 -15.67 23.92
CA THR A 611 -11.59 -16.60 24.45
C THR A 611 -11.28 -17.95 23.85
N ASP A 612 -11.80 -19.00 24.49
CA ASP A 612 -11.80 -20.34 23.93
C ASP A 612 -12.61 -20.37 22.64
N GLU A 613 -13.70 -19.60 22.55
CA GLU A 613 -14.57 -19.57 21.38
C GLU A 613 -13.94 -18.91 20.13
N GLU A 614 -13.19 -17.84 20.31
CA GLU A 614 -12.55 -17.19 19.20
C GLU A 614 -11.61 -18.21 18.61
N LEU A 615 -11.07 -19.06 19.50
CA LEU A 615 -10.14 -20.09 19.10
C LEU A 615 -10.77 -21.34 18.46
N LYS A 616 -12.09 -21.51 18.41
CA LYS A 616 -12.64 -22.76 17.91
C LYS A 616 -12.12 -23.13 16.53
N GLY A 617 -11.81 -24.42 16.36
CA GLY A 617 -11.33 -24.92 15.09
C GLY A 617 -9.84 -24.68 14.89
N LEU A 618 -9.15 -24.18 15.92
CA LEU A 618 -7.75 -23.85 15.76
C LEU A 618 -6.90 -24.60 16.75
N SER A 619 -5.79 -25.15 16.27
CA SER A 619 -4.87 -25.88 17.14
C SER A 619 -3.43 -25.95 16.60
N LEU A 620 -2.42 -25.73 17.46
CA LEU A 620 -1.07 -26.14 17.13
C LEU A 620 -1.02 -27.67 17.21
CA CA B . 4.75 0.06 11.34
C 2OP C . 7.70 -0.43 10.06
O 2OP C . 6.54 -0.32 9.67
CB 2OP C . 8.64 -1.86 11.82
OHN 2OP C . 6.68 -0.52 12.32
CA 2OP C . 7.92 -0.56 11.58
OXT 2OP C . 8.70 -0.44 9.33
#